data_5BMG
#
_entry.id   5BMG
#
_cell.length_a   52.323
_cell.length_b   79.498
_cell.length_c   52.406
_cell.angle_alpha   90.00
_cell.angle_beta   90.14
_cell.angle_gamma   90.00
#
_symmetry.space_group_name_H-M   'P 1 21 1'
#
loop_
_entity.id
_entity.type
_entity.pdbx_description
1 polymer 'Immunoglobulin G-binding protein G'
2 non-polymer 'S-[(1-oxyl-2,2,5,5-tetramethyl-2,5-dihydro-1H-pyrrol-3-yl)methyl] methanesulfonothioate'
3 non-polymer 2-AMINO-2-HYDROXYMETHYL-PROPANE-1,3-DIOL
4 water water
#
_entity_poly.entity_id   1
_entity_poly.type   'polypeptide(L)'
_entity_poly.pdbx_seq_one_letter_code
;MQYKLILNGKTLKGCTTTEAVDAATAEKVFKQYANDNGVDGEWTYDDATKTFTVTE
;
_entity_poly.pdbx_strand_id   A,B,C,D,E,F,G,H
#
loop_
_chem_comp.id
_chem_comp.type
_chem_comp.name
_chem_comp.formula
MTN non-polymer 'S-[(1-oxyl-2,2,5,5-tetramethyl-2,5-dihydro-1H-pyrrol-3-yl)methyl] methanesulfonothioate' 'C10 H18 N O3 S2'
TRS non-polymer 2-AMINO-2-HYDROXYMETHYL-PROPANE-1,3-DIOL 'C4 H12 N O3 1'
#
# COMPACT_ATOMS: atom_id res chain seq x y z
N MET A 1 1.35 -26.08 -21.19
CA MET A 1 2.39 -25.16 -21.64
C MET A 1 2.34 -23.83 -20.87
N GLN A 2 3.33 -22.99 -21.10
CA GLN A 2 3.45 -21.78 -20.33
C GLN A 2 2.66 -20.67 -21.01
N TYR A 3 1.69 -20.13 -20.29
CA TYR A 3 0.91 -19.00 -20.76
C TYR A 3 1.37 -17.75 -20.00
N LYS A 4 1.26 -16.58 -20.64
CA LYS A 4 1.80 -15.33 -20.11
C LYS A 4 0.71 -14.28 -20.09
N LEU A 5 0.78 -13.35 -19.15
CA LEU A 5 -0.20 -12.25 -19.08
C LEU A 5 0.45 -10.88 -18.92
N ILE A 6 0.19 -10.00 -19.87
CA ILE A 6 0.66 -8.61 -19.77
C ILE A 6 -0.39 -7.73 -19.10
N LEU A 7 -0.03 -7.17 -17.95
CA LEU A 7 -0.92 -6.29 -17.21
C LEU A 7 -0.71 -4.83 -17.57
N ASN A 8 -1.65 -4.28 -18.34
CA ASN A 8 -1.66 -2.83 -18.59
C ASN A 8 -2.79 -2.17 -17.81
N GLY A 9 -2.63 -2.07 -16.49
CA GLY A 9 -3.63 -1.44 -15.66
C GLY A 9 -3.34 0.04 -15.49
N LYS A 10 -4.34 0.81 -15.07
CA LYS A 10 -4.13 2.23 -14.79
C LYS A 10 -3.16 2.36 -13.63
N THR A 11 -3.28 1.43 -12.69
CA THR A 11 -2.55 1.42 -11.44
C THR A 11 -1.45 0.35 -11.47
N LEU A 12 -1.64 -0.68 -12.30
CA LEU A 12 -0.78 -1.85 -12.22
C LEU A 12 -0.15 -2.29 -13.54
N LYS A 13 1.19 -2.30 -13.59
CA LYS A 13 1.94 -2.66 -14.79
C LYS A 13 2.89 -3.83 -14.52
N GLY A 14 2.82 -4.88 -15.34
CA GLY A 14 3.73 -6.00 -15.17
C GLY A 14 3.55 -7.26 -16.02
N CYS A 15 4.51 -8.17 -15.90
CA CYS A 15 4.40 -9.48 -16.53
C CYS A 15 3.99 -10.49 -15.48
N THR A 16 3.23 -11.50 -15.88
CA THR A 16 2.98 -12.63 -15.00
C THR A 16 2.75 -13.87 -15.83
N THR A 17 2.88 -15.05 -15.22
CA THR A 17 2.74 -16.30 -15.94
C THR A 17 1.92 -17.34 -15.19
N THR A 18 1.47 -18.36 -15.93
CA THR A 18 0.87 -19.55 -15.37
C THR A 18 1.15 -20.77 -16.26
N GLU A 19 1.09 -21.97 -15.66
CA GLU A 19 1.11 -23.21 -16.43
C GLU A 19 -0.31 -23.75 -16.52
N ALA A 20 -0.78 -24.00 -17.75
CA ALA A 20 -2.12 -24.57 -17.96
C ALA A 20 -2.20 -25.51 -19.17
N VAL A 21 -3.21 -26.39 -19.14
CA VAL A 21 -3.42 -27.40 -20.17
C VAL A 21 -3.85 -26.76 -21.49
N ASP A 22 -4.65 -25.70 -21.40
CA ASP A 22 -5.06 -24.94 -22.57
C ASP A 22 -5.18 -23.44 -22.25
N ALA A 23 -5.48 -22.64 -23.26
CA ALA A 23 -5.57 -21.19 -23.05
C ALA A 23 -6.82 -20.82 -22.27
N ALA A 24 -7.91 -21.56 -22.45
CA ALA A 24 -9.14 -21.26 -21.72
C ALA A 24 -8.94 -21.41 -20.21
N THR A 25 -8.21 -22.44 -19.81
CA THR A 25 -7.93 -22.69 -18.40
C THR A 25 -7.00 -21.62 -17.85
N ALA A 26 -5.97 -21.27 -18.63
CA ALA A 26 -5.05 -20.21 -18.26
C ALA A 26 -5.76 -18.87 -18.10
N GLU A 27 -6.72 -18.58 -18.98
CA GLU A 27 -7.47 -17.32 -18.91
C GLU A 27 -8.22 -17.16 -17.59
N LYS A 28 -8.82 -18.24 -17.09
CA LYS A 28 -9.54 -18.18 -15.83
C LYS A 28 -8.61 -17.72 -14.73
N VAL A 29 -7.39 -18.26 -14.76
CA VAL A 29 -6.39 -18.01 -13.74
C VAL A 29 -5.95 -16.55 -13.79
N PHE A 30 -5.81 -16.06 -15.01
CA PHE A 30 -5.32 -14.71 -15.24
C PHE A 30 -6.42 -13.68 -14.96
N LYS A 31 -7.67 -14.10 -15.12
CA LYS A 31 -8.84 -13.26 -14.87
C LYS A 31 -9.03 -13.05 -13.38
N GLN A 32 -8.88 -14.12 -12.61
CA GLN A 32 -8.87 -14.03 -11.16
C GLN A 32 -7.69 -13.23 -10.70
N TYR A 33 -6.60 -13.30 -11.45
CA TYR A 33 -5.37 -12.66 -11.03
C TYR A 33 -5.47 -11.15 -11.09
N ALA A 34 -5.97 -10.62 -12.20
CA ALA A 34 -6.15 -9.19 -12.35
C ALA A 34 -7.27 -8.70 -11.43
N ASN A 35 -8.23 -9.58 -11.15
CA ASN A 35 -9.33 -9.29 -10.23
C ASN A 35 -8.86 -9.26 -8.78
N ASP A 36 -7.92 -10.14 -8.45
CA ASP A 36 -7.33 -10.19 -7.12
C ASP A 36 -6.45 -8.99 -6.91
N ASN A 37 -6.11 -8.34 -8.02
CA ASN A 37 -5.16 -7.25 -8.03
C ASN A 37 -5.78 -5.92 -8.40
N GLY A 38 -7.12 -5.89 -8.54
CA GLY A 38 -7.86 -4.67 -8.72
C GLY A 38 -7.74 -4.12 -10.13
N VAL A 39 -7.53 -5.02 -11.07
CA VAL A 39 -7.42 -4.66 -12.47
C VAL A 39 -8.54 -5.30 -13.28
N ASP A 40 -9.20 -4.50 -14.10
CA ASP A 40 -10.32 -4.95 -14.94
C ASP A 40 -10.34 -4.16 -16.24
N GLY A 41 -10.60 -4.84 -17.36
CA GLY A 41 -10.62 -4.15 -18.64
C GLY A 41 -10.57 -5.02 -19.88
N GLU A 42 -9.96 -4.49 -20.94
CA GLU A 42 -10.04 -5.11 -22.27
C GLU A 42 -8.99 -6.21 -22.48
N TRP A 43 -9.47 -7.45 -22.59
CA TRP A 43 -8.60 -8.60 -22.78
C TRP A 43 -8.42 -8.98 -24.24
N THR A 44 -7.19 -9.29 -24.60
CA THR A 44 -6.89 -9.86 -25.90
C THR A 44 -5.89 -11.02 -25.74
N TYR A 45 -5.99 -12.00 -26.63
CA TYR A 45 -5.14 -13.17 -26.59
C TYR A 45 -4.47 -13.41 -27.96
N ASP A 46 -3.19 -13.74 -27.93
CA ASP A 46 -2.43 -14.03 -29.14
C ASP A 46 -1.87 -15.43 -28.98
N ASP A 47 -2.50 -16.42 -29.61
CA ASP A 47 -2.15 -17.82 -29.35
C ASP A 47 -0.76 -18.21 -29.85
N ALA A 48 -0.12 -17.31 -30.58
CA ALA A 48 1.17 -17.58 -31.21
C ALA A 48 2.32 -17.38 -30.23
N THR A 49 2.10 -16.47 -29.29
CA THR A 49 3.06 -16.23 -28.22
C THR A 49 2.45 -16.65 -26.88
N LYS A 50 1.21 -17.16 -26.94
CA LYS A 50 0.47 -17.58 -25.76
C LYS A 50 0.45 -16.51 -24.69
N THR A 51 0.10 -15.30 -25.12
CA THR A 51 0.15 -14.12 -24.26
C THR A 51 -1.18 -13.39 -24.25
N PHE A 52 -1.73 -13.25 -23.03
CA PHE A 52 -2.92 -12.45 -22.79
C PHE A 52 -2.48 -11.02 -22.44
N THR A 53 -3.36 -10.06 -22.69
CA THR A 53 -3.11 -8.70 -22.26
C THR A 53 -4.39 -8.14 -21.67
N VAL A 54 -4.31 -7.54 -20.48
CA VAL A 54 -5.44 -6.79 -19.95
C VAL A 54 -5.12 -5.28 -19.98
N THR A 55 -6.09 -4.47 -20.39
CA THR A 55 -5.91 -3.02 -20.46
C THR A 55 -7.03 -2.25 -19.78
N GLU A 56 -6.69 -1.57 -18.69
CA GLU A 56 -7.66 -0.70 -18.01
C GLU A 56 -7.89 0.60 -18.77
N MET B 1 10.57 7.64 -10.41
CA MET B 1 11.50 6.73 -11.06
C MET B 1 10.99 5.28 -11.07
N GLN B 2 11.36 4.53 -12.11
CA GLN B 2 10.91 3.14 -12.23
C GLN B 2 11.83 2.18 -11.50
N TYR B 3 11.23 1.43 -10.58
CA TYR B 3 11.87 0.33 -9.88
C TYR B 3 11.23 -0.96 -10.38
N LYS B 4 11.93 -2.08 -10.24
CA LYS B 4 11.42 -3.35 -10.75
C LYS B 4 11.38 -4.45 -9.68
N LEU B 5 10.41 -5.34 -9.79
CA LEU B 5 10.29 -6.46 -8.86
C LEU B 5 10.23 -7.74 -9.65
N ILE B 6 11.18 -8.63 -9.46
CA ILE B 6 11.10 -9.93 -10.12
C ILE B 6 10.67 -10.99 -9.12
N LEU B 7 9.58 -11.69 -9.43
CA LEU B 7 9.02 -12.68 -8.52
C LEU B 7 9.35 -14.09 -8.97
N ASN B 8 9.95 -14.85 -8.08
CA ASN B 8 10.16 -16.26 -8.30
C ASN B 8 9.52 -17.04 -7.18
N GLY B 9 8.19 -17.03 -7.14
CA GLY B 9 7.47 -17.90 -6.23
C GLY B 9 7.46 -19.33 -6.73
N LYS B 10 6.73 -20.21 -6.04
CA LYS B 10 6.63 -21.59 -6.49
C LYS B 10 5.46 -21.67 -7.45
N THR B 11 4.35 -21.07 -7.04
CA THR B 11 3.11 -21.12 -7.79
C THR B 11 2.75 -19.76 -8.39
N LEU B 12 3.77 -18.91 -8.55
CA LEU B 12 3.63 -17.63 -9.26
C LEU B 12 4.98 -17.04 -9.65
N LYS B 13 5.21 -16.95 -10.95
CA LYS B 13 6.41 -16.33 -11.48
C LYS B 13 6.00 -15.16 -12.39
N GLY B 14 6.69 -14.02 -12.23
CA GLY B 14 6.41 -12.83 -13.01
C GLY B 14 7.30 -11.68 -12.57
N CYS B 15 6.92 -10.46 -12.93
CA CYS B 15 7.62 -9.28 -12.49
C CYS B 15 6.62 -8.11 -12.49
N THR B 16 6.92 -7.07 -11.74
CA THR B 16 6.09 -5.86 -11.76
C THR B 16 6.95 -4.60 -11.60
N THR B 17 6.36 -3.45 -11.96
CA THR B 17 7.04 -2.16 -11.80
C THR B 17 6.21 -1.14 -11.01
N THR B 18 6.90 -0.14 -10.45
CA THR B 18 6.27 0.97 -9.73
C THR B 18 7.11 2.22 -9.90
N GLU B 19 6.46 3.38 -9.88
CA GLU B 19 7.16 4.68 -9.83
C GLU B 19 7.31 5.11 -8.36
N ALA B 20 8.56 5.29 -7.92
CA ALA B 20 8.83 5.67 -6.54
C ALA B 20 9.95 6.73 -6.45
N VAL B 21 9.84 7.61 -5.45
CA VAL B 21 10.86 8.65 -5.22
C VAL B 21 12.18 8.00 -4.88
N ASP B 22 12.13 6.86 -4.19
CA ASP B 22 13.33 6.11 -3.82
C ASP B 22 13.08 4.61 -3.64
N ALA B 23 14.16 3.86 -3.39
CA ALA B 23 14.11 2.40 -3.29
C ALA B 23 13.35 1.93 -2.07
N ALA B 24 13.49 2.66 -0.98
CA ALA B 24 12.79 2.32 0.24
C ALA B 24 11.28 2.42 0.06
N THR B 25 10.82 3.36 -0.76
CA THR B 25 9.39 3.54 -1.00
C THR B 25 8.83 2.46 -1.91
N ALA B 26 9.53 2.15 -2.99
CA ALA B 26 9.11 1.12 -3.94
C ALA B 26 8.97 -0.23 -3.26
N GLU B 27 9.85 -0.51 -2.30
CA GLU B 27 9.89 -1.78 -1.59
C GLU B 27 8.65 -2.07 -0.76
N LYS B 28 8.14 -1.07 -0.06
CA LYS B 28 6.92 -1.22 0.72
C LYS B 28 5.79 -1.61 -0.22
N VAL B 29 5.80 -1.01 -1.42
CA VAL B 29 4.83 -1.29 -2.48
C VAL B 29 4.97 -2.73 -2.93
N PHE B 30 6.22 -3.14 -3.15
CA PHE B 30 6.54 -4.47 -3.66
C PHE B 30 6.34 -5.59 -2.64
N LYS B 31 6.59 -5.30 -1.37
CA LYS B 31 6.37 -6.29 -0.34
C LYS B 31 4.89 -6.52 -0.17
N GLN B 32 4.13 -5.43 -0.31
CA GLN B 32 2.68 -5.51 -0.28
C GLN B 32 2.19 -6.38 -1.44
N TYR B 33 2.63 -6.06 -2.65
CA TYR B 33 2.23 -6.80 -3.83
C TYR B 33 2.47 -8.29 -3.68
N ALA B 34 3.66 -8.63 -3.19
CA ALA B 34 4.05 -10.03 -3.01
C ALA B 34 3.20 -10.75 -1.96
N ASN B 35 2.98 -10.11 -0.81
CA ASN B 35 2.19 -10.71 0.25
C ASN B 35 0.72 -10.81 -0.10
N ASP B 36 0.22 -9.82 -0.85
CA ASP B 36 -1.13 -9.87 -1.41
C ASP B 36 -1.27 -11.06 -2.37
N ASN B 37 -0.18 -11.43 -3.00
CA ASN B 37 -0.21 -12.54 -3.94
C ASN B 37 0.52 -13.76 -3.44
N GLY B 38 0.48 -13.95 -2.13
CA GLY B 38 0.87 -15.19 -1.49
C GLY B 38 2.31 -15.60 -1.64
N VAL B 39 3.20 -14.63 -1.76
CA VAL B 39 4.62 -14.92 -1.88
C VAL B 39 5.38 -14.44 -0.67
N ASP B 40 5.94 -15.40 0.07
CA ASP B 40 6.71 -15.09 1.24
C ASP B 40 8.10 -15.71 1.08
N GLY B 41 9.08 -14.89 0.74
CA GLY B 41 10.43 -15.37 0.48
C GLY B 41 11.55 -14.45 0.94
N GLU B 42 12.69 -14.55 0.27
CA GLU B 42 13.88 -13.79 0.63
C GLU B 42 14.11 -12.70 -0.41
N TRP B 43 14.33 -11.48 0.07
CA TRP B 43 14.42 -10.31 -0.80
C TRP B 43 15.84 -9.95 -1.23
N THR B 44 15.97 -9.28 -2.37
CA THR B 44 17.25 -8.84 -2.91
C THR B 44 16.98 -7.48 -3.54
N TYR B 45 17.94 -6.56 -3.41
CA TYR B 45 17.87 -5.28 -4.11
C TYR B 45 19.22 -4.82 -4.67
N ASP B 46 19.22 -4.48 -5.96
CA ASP B 46 20.39 -3.94 -6.63
C ASP B 46 20.04 -2.53 -7.08
N ASP B 47 20.67 -1.51 -6.49
CA ASP B 47 20.30 -0.13 -6.77
C ASP B 47 20.81 0.32 -8.12
N ALA B 48 21.70 -0.48 -8.71
CA ALA B 48 22.24 -0.18 -10.02
C ALA B 48 21.14 -0.33 -11.05
N THR B 49 20.33 -1.36 -10.88
CA THR B 49 19.33 -1.71 -11.86
C THR B 49 17.95 -1.28 -11.40
N LYS B 50 17.90 -0.83 -10.14
CA LYS B 50 16.63 -0.53 -9.47
C LYS B 50 15.68 -1.73 -9.51
N THR B 51 16.20 -2.90 -9.14
CA THR B 51 15.46 -4.15 -9.26
C THR B 51 15.45 -4.93 -7.96
N PHE B 52 14.26 -5.31 -7.53
CA PHE B 52 14.11 -6.16 -6.36
C PHE B 52 13.89 -7.57 -6.86
N THR B 53 14.24 -8.56 -6.05
CA THR B 53 13.92 -9.95 -6.36
C THR B 53 13.41 -10.64 -5.11
N VAL B 54 12.27 -11.30 -5.21
CA VAL B 54 11.79 -12.11 -4.11
C VAL B 54 11.67 -13.57 -4.58
N THR B 55 12.20 -14.48 -3.78
CA THR B 55 12.32 -15.88 -4.16
C THR B 55 11.71 -16.78 -3.08
N GLU B 56 10.97 -17.80 -3.50
CA GLU B 56 10.30 -18.67 -2.54
C GLU B 56 11.01 -20.01 -2.42
N MET C 1 -24.72 16.75 10.29
CA MET C 1 -23.31 16.51 10.06
C MET C 1 -22.74 15.87 11.31
N GLN C 2 -21.51 15.40 11.24
CA GLN C 2 -20.86 14.87 12.42
C GLN C 2 -20.10 15.95 13.14
N TYR C 3 -20.32 16.02 14.45
CA TYR C 3 -19.59 16.91 15.33
C TYR C 3 -18.73 16.07 16.29
N LYS C 4 -17.68 16.68 16.85
CA LYS C 4 -16.82 15.97 17.79
C LYS C 4 -16.77 16.67 19.14
N LEU C 5 -16.33 15.94 20.17
CA LEU C 5 -16.16 16.49 21.51
C LEU C 5 -14.91 15.95 22.16
N ILE C 6 -14.03 16.82 22.61
CA ILE C 6 -12.85 16.37 23.34
C ILE C 6 -13.06 16.63 24.82
N LEU C 7 -13.31 15.57 25.58
CA LEU C 7 -13.57 15.75 26.98
C LEU C 7 -12.25 15.68 27.75
N ASN C 8 -11.92 16.76 28.45
CA ASN C 8 -10.73 16.78 29.29
C ASN C 8 -11.04 16.89 30.77
N GLY C 9 -11.87 16.00 31.29
CA GLY C 9 -12.18 16.00 32.72
C GLY C 9 -10.95 15.71 33.57
N LYS C 10 -11.08 15.86 34.88
CA LYS C 10 -9.96 15.56 35.77
C LYS C 10 -9.71 14.05 35.88
N THR C 11 -10.76 13.26 35.72
CA THR C 11 -10.66 11.80 35.74
C THR C 11 -11.01 11.23 34.38
N LEU C 12 -12.14 11.68 33.84
CA LEU C 12 -12.67 11.19 32.56
C LEU C 12 -12.07 11.92 31.36
N LYS C 13 -11.42 11.17 30.47
CA LYS C 13 -10.78 11.76 29.31
C LYS C 13 -11.02 10.96 28.05
N GLY C 14 -11.25 11.64 26.95
CA GLY C 14 -11.48 10.95 25.70
C GLY C 14 -12.01 11.83 24.59
N CYS C 15 -12.95 11.28 23.84
CA CYS C 15 -13.46 11.93 22.63
C CYS C 15 -14.70 11.22 22.09
N THR C 16 -15.78 11.95 21.92
CA THR C 16 -16.99 11.35 21.39
C THR C 16 -17.55 12.11 20.17
N THR C 17 -18.34 11.41 19.35
CA THR C 17 -18.96 12.01 18.17
C THR C 17 -20.49 11.98 18.27
N THR C 18 -21.13 12.97 17.65
CA THR C 18 -22.58 12.99 17.55
C THR C 18 -22.96 13.41 16.13
N GLU C 19 -24.14 12.98 15.68
CA GLU C 19 -24.68 13.47 14.42
C GLU C 19 -25.79 14.46 14.75
N ALA C 20 -25.64 15.70 14.28
CA ALA C 20 -26.67 16.74 14.48
C ALA C 20 -26.89 17.58 13.23
N VAL C 21 -27.96 18.39 13.26
CA VAL C 21 -28.31 19.27 12.15
C VAL C 21 -27.53 20.58 12.18
N ASP C 22 -27.22 21.07 13.38
CA ASP C 22 -26.37 22.26 13.54
C ASP C 22 -25.46 22.14 14.76
N ALA C 23 -24.57 23.11 14.94
CA ALA C 23 -23.59 23.08 16.04
C ALA C 23 -24.27 23.12 17.40
N ALA C 24 -25.25 24.02 17.54
CA ALA C 24 -26.01 24.20 18.78
C ALA C 24 -26.63 22.92 19.29
N THR C 25 -27.25 22.15 18.40
CA THR C 25 -27.90 20.90 18.77
C THR C 25 -26.90 19.86 19.19
N ALA C 26 -25.69 19.95 18.64
CA ALA C 26 -24.59 19.06 18.97
C ALA C 26 -24.04 19.38 20.35
N GLU C 27 -23.94 20.67 20.65
CA GLU C 27 -23.52 21.13 21.99
C GLU C 27 -24.40 20.56 23.10
N LYS C 28 -25.70 20.49 22.85
CA LYS C 28 -26.64 20.06 23.88
C LYS C 28 -26.55 18.55 24.10
N VAL C 29 -26.33 17.81 23.02
CA VAL C 29 -26.15 16.37 23.11
C VAL C 29 -24.87 16.08 23.91
N PHE C 30 -23.85 16.88 23.60
CA PHE C 30 -22.55 16.80 24.25
C PHE C 30 -22.57 17.27 25.72
N LYS C 31 -23.39 18.26 26.07
CA LYS C 31 -23.49 18.71 27.46
C LYS C 31 -24.28 17.73 28.30
N GLN C 32 -25.28 17.11 27.66
CA GLN C 32 -26.11 16.09 28.29
C GLN C 32 -25.28 14.86 28.62
N TYR C 33 -24.23 14.65 27.83
CA TYR C 33 -23.29 13.55 28.03
C TYR C 33 -22.23 13.91 29.06
N ALA C 34 -21.73 15.15 29.01
CA ALA C 34 -20.73 15.61 29.94
C ALA C 34 -21.28 15.65 31.36
N ASN C 35 -22.50 16.17 31.52
CA ASN C 35 -23.16 16.25 32.81
C ASN C 35 -23.39 14.87 33.47
N ASP C 36 -23.85 13.91 32.68
CA ASP C 36 -24.01 12.52 33.11
C ASP C 36 -22.73 11.98 33.74
N ASN C 37 -21.63 12.21 33.04
CA ASN C 37 -20.34 11.65 33.39
C ASN C 37 -19.57 12.50 34.40
N GLY C 38 -20.30 13.30 35.16
CA GLY C 38 -19.74 14.06 36.27
C GLY C 38 -18.61 15.00 35.93
N VAL C 39 -18.72 15.65 34.78
CA VAL C 39 -17.70 16.61 34.34
C VAL C 39 -18.27 18.01 34.22
N ASP C 40 -17.55 18.97 34.79
CA ASP C 40 -17.92 20.36 34.68
C ASP C 40 -16.64 21.15 34.41
N GLY C 41 -16.61 21.84 33.26
CA GLY C 41 -15.46 22.64 32.90
C GLY C 41 -15.78 23.74 31.90
N GLU C 42 -14.77 24.09 31.10
CA GLU C 42 -14.87 25.18 30.13
C GLU C 42 -15.05 24.67 28.69
N TRP C 43 -16.11 25.11 28.05
CA TRP C 43 -16.44 24.70 26.69
C TRP C 43 -15.90 25.69 25.64
N THR C 44 -15.20 25.17 24.64
CA THR C 44 -14.85 25.91 23.44
C THR C 44 -15.34 25.12 22.22
N TYR C 45 -15.43 25.78 21.07
CA TYR C 45 -15.89 25.15 19.84
C TYR C 45 -15.20 25.77 18.60
N ASP C 46 -14.91 24.95 17.61
CA ASP C 46 -14.22 25.40 16.42
C ASP C 46 -15.00 24.95 15.19
N ASP C 47 -15.51 25.92 14.43
CA ASP C 47 -16.38 25.64 13.30
C ASP C 47 -15.72 24.93 12.13
N ALA C 48 -14.40 25.05 12.01
CA ALA C 48 -13.67 24.38 10.96
C ALA C 48 -13.74 22.88 11.18
N THR C 49 -13.44 22.48 12.42
CA THR C 49 -13.33 21.09 12.76
C THR C 49 -14.63 20.50 13.30
N LYS C 50 -15.57 21.36 13.68
CA LYS C 50 -16.85 20.91 14.24
C LYS C 50 -16.55 20.10 15.48
N THR C 51 -15.61 20.60 16.28
CA THR C 51 -15.15 19.94 17.49
C THR C 51 -15.38 20.83 18.71
N PHE C 52 -16.08 20.29 19.70
CA PHE C 52 -16.17 20.91 21.02
C PHE C 52 -15.06 20.35 21.91
N THR C 53 -14.68 21.12 22.92
CA THR C 53 -13.76 20.63 23.93
C THR C 53 -14.30 21.07 25.28
N VAL C 54 -14.18 20.23 26.30
CA VAL C 54 -14.49 20.68 27.65
C VAL C 54 -13.34 20.31 28.59
N THR C 55 -12.71 21.30 29.19
CA THR C 55 -11.57 21.06 30.09
C THR C 55 -11.97 21.36 31.52
N GLU C 56 -11.58 20.51 32.45
CA GLU C 56 -11.96 20.66 33.84
C GLU C 56 -11.02 21.60 34.60
N MET D 1 -0.72 0.95 33.22
CA MET D 1 -0.62 1.66 31.95
C MET D 1 -1.97 2.18 31.43
N GLN D 2 -1.97 2.71 30.21
CA GLN D 2 -3.18 3.33 29.68
C GLN D 2 -3.98 2.35 28.83
N TYR D 3 -5.23 2.16 29.24
CA TYR D 3 -6.15 1.26 28.56
C TYR D 3 -7.22 2.10 27.93
N LYS D 4 -7.83 1.56 26.89
CA LYS D 4 -8.78 2.33 26.12
C LYS D 4 -10.07 1.58 25.83
N LEU D 5 -11.16 2.34 25.80
CA LEU D 5 -12.47 1.81 25.43
C LEU D 5 -12.87 2.41 24.10
N ILE D 6 -13.36 1.57 23.20
CA ILE D 6 -14.00 2.06 21.98
C ILE D 6 -15.47 1.68 22.09
N LEU D 7 -16.33 2.66 22.39
CA LEU D 7 -17.75 2.37 22.48
C LEU D 7 -18.40 2.57 21.13
N ASN D 8 -19.05 1.51 20.63
CA ASN D 8 -19.86 1.64 19.43
C ASN D 8 -21.29 1.26 19.71
N GLY D 9 -22.02 2.19 20.34
CA GLY D 9 -23.42 2.00 20.63
C GLY D 9 -24.31 2.66 19.61
N LYS D 10 -25.57 2.24 19.55
CA LYS D 10 -26.52 2.73 18.57
C LYS D 10 -26.61 4.25 18.57
N THR D 11 -26.82 4.83 19.75
CA THR D 11 -26.67 6.28 19.88
C THR D 11 -25.74 6.68 21.04
N LEU D 12 -24.45 6.40 20.82
CA LEU D 12 -23.30 6.93 21.56
C LEU D 12 -22.04 6.24 21.04
N LYS D 13 -21.19 7.00 20.35
CA LYS D 13 -19.94 6.48 19.86
C LYS D 13 -18.80 7.34 20.36
N GLY D 14 -17.70 6.71 20.75
CA GLY D 14 -16.56 7.44 21.26
C GLY D 14 -15.43 6.55 21.73
N CYS D 15 -14.40 7.18 22.26
CA CYS D 15 -13.31 6.46 22.90
C CYS D 15 -12.94 7.17 24.19
N THR D 16 -12.73 6.40 25.25
CA THR D 16 -12.29 6.96 26.49
C THR D 16 -11.01 6.26 26.91
N THR D 17 -10.40 6.75 27.98
CA THR D 17 -9.08 6.28 28.33
C THR D 17 -8.93 6.20 29.86
N THR D 18 -8.24 5.16 30.33
CA THR D 18 -8.06 4.96 31.77
C THR D 18 -6.66 4.52 32.19
N GLU D 19 -6.23 4.96 33.37
CA GLU D 19 -5.01 4.46 33.98
C GLU D 19 -5.35 3.29 34.91
N ALA D 20 -4.71 2.15 34.70
CA ALA D 20 -4.94 0.96 35.52
C ALA D 20 -3.68 0.11 35.63
N VAL D 21 -3.56 -0.58 36.75
CA VAL D 21 -2.39 -1.43 37.01
C VAL D 21 -2.44 -2.65 36.09
N ASP D 22 -3.65 -3.08 35.75
CA ASP D 22 -3.82 -4.19 34.81
C ASP D 22 -5.16 -4.13 34.09
N ALA D 23 -5.30 -4.96 33.07
CA ALA D 23 -6.48 -4.94 32.20
C ALA D 23 -7.78 -5.18 32.96
N ALA D 24 -7.78 -6.15 33.87
CA ALA D 24 -8.97 -6.49 34.63
C ALA D 24 -9.44 -5.34 35.51
N THR D 25 -8.50 -4.51 35.96
CA THR D 25 -8.84 -3.30 36.71
C THR D 25 -9.55 -2.34 35.77
N ALA D 26 -8.92 -2.10 34.62
CA ALA D 26 -9.47 -1.21 33.61
C ALA D 26 -10.86 -1.65 33.20
N GLU D 27 -11.04 -2.95 32.96
CA GLU D 27 -12.32 -3.51 32.52
C GLU D 27 -13.43 -3.10 33.45
N LYS D 28 -13.16 -3.20 34.74
CA LYS D 28 -14.11 -2.91 35.78
C LYS D 28 -14.47 -1.44 35.71
N VAL D 29 -13.47 -0.61 35.47
CA VAL D 29 -13.65 0.83 35.37
C VAL D 29 -14.56 1.13 34.21
N PHE D 30 -14.22 0.51 33.09
CA PHE D 30 -14.87 0.73 31.81
C PHE D 30 -16.28 0.19 31.75
N LYS D 31 -16.53 -0.89 32.48
CA LYS D 31 -17.85 -1.51 32.54
C LYS D 31 -18.82 -0.67 33.37
N GLN D 32 -18.30 0.00 34.38
CA GLN D 32 -19.09 0.96 35.15
C GLN D 32 -19.46 2.14 34.24
N TYR D 33 -18.51 2.57 33.42
CA TYR D 33 -18.72 3.64 32.47
C TYR D 33 -19.77 3.30 31.42
N ALA D 34 -19.87 2.02 31.07
CA ALA D 34 -20.87 1.59 30.10
C ALA D 34 -22.22 1.60 30.79
N ASN D 35 -22.25 1.05 32.01
CA ASN D 35 -23.47 0.97 32.79
C ASN D 35 -24.05 2.33 33.18
N ASP D 36 -23.20 3.36 33.16
CA ASP D 36 -23.59 4.72 33.49
C ASP D 36 -24.14 5.49 32.29
N ASN D 37 -23.84 4.97 31.10
CA ASN D 37 -24.26 5.58 29.83
C ASN D 37 -25.20 4.71 29.02
N GLY D 38 -25.82 3.75 29.69
CA GLY D 38 -26.86 2.92 29.09
C GLY D 38 -26.41 1.95 28.00
N VAL D 39 -25.11 1.77 27.86
CA VAL D 39 -24.59 0.90 26.81
C VAL D 39 -24.54 -0.57 27.26
N ASP D 40 -24.96 -1.46 26.37
CA ASP D 40 -24.88 -2.88 26.63
C ASP D 40 -24.60 -3.61 25.31
N GLY D 41 -23.39 -4.14 25.18
CA GLY D 41 -23.02 -4.80 23.94
C GLY D 41 -22.08 -5.97 24.15
N GLU D 42 -21.37 -6.35 23.09
CA GLU D 42 -20.41 -7.43 23.20
C GLU D 42 -18.99 -6.89 23.40
N TRP D 43 -18.38 -7.31 24.51
CA TRP D 43 -17.02 -6.89 24.89
C TRP D 43 -15.92 -7.80 24.37
N THR D 44 -14.93 -7.19 23.74
CA THR D 44 -13.72 -7.89 23.37
C THR D 44 -12.55 -7.09 23.93
N TYR D 45 -11.48 -7.79 24.29
CA TYR D 45 -10.26 -7.14 24.75
C TYR D 45 -9.05 -7.62 23.94
N ASP D 46 -8.16 -6.69 23.64
CA ASP D 46 -6.92 -7.01 22.95
C ASP D 46 -5.78 -6.32 23.69
N ASP D 47 -4.81 -7.11 24.15
CA ASP D 47 -3.76 -6.61 25.04
C ASP D 47 -2.57 -6.06 24.28
N ALA D 48 -2.53 -6.30 22.97
CA ALA D 48 -1.47 -5.77 22.10
C ALA D 48 -1.57 -4.25 22.08
N THR D 49 -2.81 -3.79 22.22
CA THR D 49 -3.16 -2.39 22.09
C THR D 49 -3.74 -1.90 23.41
N LYS D 50 -3.96 -2.83 24.33
CA LYS D 50 -4.61 -2.55 25.61
C LYS D 50 -6.00 -1.96 25.48
N THR D 51 -6.72 -2.38 24.43
CA THR D 51 -7.99 -1.77 24.06
C THR D 51 -9.19 -2.70 24.19
N PHE D 52 -10.21 -2.20 24.89
CA PHE D 52 -11.51 -2.85 24.95
C PHE D 52 -12.41 -2.17 23.91
N THR D 53 -13.22 -2.96 23.23
CA THR D 53 -14.28 -2.40 22.40
C THR D 53 -15.58 -3.05 22.83
N VAL D 54 -16.60 -2.23 23.04
CA VAL D 54 -17.94 -2.76 23.24
C VAL D 54 -18.81 -2.27 22.10
N THR D 55 -19.56 -3.19 21.50
CA THR D 55 -20.41 -2.85 20.37
C THR D 55 -21.84 -3.22 20.69
N GLU D 56 -22.75 -2.24 20.66
CA GLU D 56 -24.18 -2.51 20.80
C GLU D 56 -24.73 -3.17 19.54
N MET E 1 -18.62 5.66 2.83
CA MET E 1 -18.93 5.58 4.25
C MET E 1 -17.67 5.87 5.06
N GLN E 2 -17.80 6.29 6.31
CA GLN E 2 -16.61 6.61 7.08
C GLN E 2 -15.96 5.38 7.70
N TYR E 3 -14.68 5.20 7.38
CA TYR E 3 -13.87 4.15 7.98
C TYR E 3 -12.85 4.81 8.87
N LYS E 4 -12.35 4.07 9.86
CA LYS E 4 -11.37 4.61 10.80
C LYS E 4 -10.12 3.76 10.81
N LEU E 5 -8.98 4.37 11.12
CA LEU E 5 -7.71 3.66 11.27
C LEU E 5 -7.09 3.98 12.61
N ILE E 6 -6.76 2.94 13.36
CA ILE E 6 -6.04 3.12 14.61
C ILE E 6 -4.61 2.66 14.44
N LEU E 7 -3.68 3.57 14.63
CA LEU E 7 -2.26 3.25 14.54
C LEU E 7 -1.69 2.94 15.91
N ASN E 8 -1.20 1.72 16.08
CA ASN E 8 -0.42 1.42 17.26
C ASN E 8 1.02 1.21 16.86
N GLY E 9 1.66 2.28 16.39
CA GLY E 9 3.06 2.26 16.00
C GLY E 9 3.96 2.46 17.20
N LYS E 10 5.26 2.22 17.03
CA LYS E 10 6.19 2.36 18.15
C LYS E 10 6.44 3.83 18.47
N THR E 11 6.30 4.69 17.47
CA THR E 11 6.47 6.13 17.65
C THR E 11 5.19 6.87 17.28
N LEU E 12 4.59 6.48 16.16
CA LEU E 12 3.38 7.13 15.69
C LEU E 12 2.14 6.48 16.30
N LYS E 13 1.29 7.29 16.88
CA LYS E 13 0.08 6.82 17.54
C LYS E 13 -1.01 7.81 17.20
N GLY E 14 -2.10 7.31 16.62
CA GLY E 14 -3.22 8.17 16.35
C GLY E 14 -4.35 7.53 15.57
N CYS E 15 -5.43 8.32 15.40
CA CYS E 15 -6.59 7.94 14.63
C CYS E 15 -6.61 8.67 13.29
N THR E 16 -7.06 7.98 12.24
CA THR E 16 -7.41 8.64 10.99
C THR E 16 -8.72 8.13 10.41
N THR E 17 -9.36 8.98 9.59
CA THR E 17 -10.57 8.59 8.88
C THR E 17 -10.42 8.76 7.37
N THR E 18 -11.23 8.00 6.62
CA THR E 18 -11.34 8.15 5.18
C THR E 18 -12.74 7.74 4.73
N GLU E 19 -13.14 8.24 3.57
CA GLU E 19 -14.43 7.91 3.02
C GLU E 19 -14.20 6.94 1.86
N ALA E 20 -15.01 5.89 1.80
CA ALA E 20 -14.82 4.83 0.82
C ALA E 20 -16.15 4.15 0.57
N VAL E 21 -16.33 3.65 -0.66
CA VAL E 21 -17.53 2.91 -1.02
C VAL E 21 -17.60 1.62 -0.21
N ASP E 22 -16.44 1.01 0.05
CA ASP E 22 -16.36 -0.22 0.84
C ASP E 22 -15.07 -0.29 1.67
N ALA E 23 -14.83 -1.45 2.27
CA ALA E 23 -13.75 -1.60 3.22
C ALA E 23 -12.42 -1.82 2.52
N ALA E 24 -12.45 -2.54 1.41
CA ALA E 24 -11.24 -2.90 0.71
C ALA E 24 -10.72 -1.69 -0.01
N THR E 25 -11.60 -0.72 -0.24
CA THR E 25 -11.20 0.57 -0.80
C THR E 25 -10.55 1.37 0.31
N ALA E 26 -11.19 1.38 1.47
CA ALA E 26 -10.66 2.03 2.65
C ALA E 26 -9.31 1.46 3.07
N GLU E 27 -9.13 0.15 2.91
CA GLU E 27 -7.87 -0.52 3.27
C GLU E 27 -6.70 -0.07 2.44
N LYS E 28 -6.91 0.14 1.15
CA LYS E 28 -5.85 0.53 0.24
C LYS E 28 -5.27 1.87 0.63
N VAL E 29 -6.17 2.80 0.97
CA VAL E 29 -5.81 4.14 1.39
C VAL E 29 -5.03 4.14 2.70
N PHE E 30 -5.57 3.41 3.68
CA PHE E 30 -4.99 3.32 5.00
C PHE E 30 -3.65 2.62 5.01
N LYS E 31 -3.43 1.72 4.05
CA LYS E 31 -2.16 1.00 3.97
C LYS E 31 -1.10 1.85 3.27
N GLN E 32 -1.55 2.70 2.36
CA GLN E 32 -0.68 3.69 1.77
C GLN E 32 -0.29 4.70 2.84
N TYR E 33 -1.28 5.18 3.58
CA TYR E 33 -1.04 6.19 4.60
C TYR E 33 -0.01 5.73 5.63
N ALA E 34 -0.13 4.47 6.05
CA ALA E 34 0.74 3.93 7.08
C ALA E 34 2.14 3.70 6.52
N ASN E 35 2.19 3.20 5.30
CA ASN E 35 3.40 3.10 4.51
C ASN E 35 4.15 4.43 4.44
N ASP E 36 3.41 5.49 4.12
CA ASP E 36 3.95 6.84 4.02
C ASP E 36 4.51 7.38 5.33
N ASN E 37 4.16 6.75 6.46
CA ASN E 37 4.61 7.20 7.76
C ASN E 37 5.48 6.19 8.51
N GLY E 38 6.10 5.28 7.76
CA GLY E 38 7.04 4.33 8.34
C GLY E 38 6.50 3.30 9.32
N VAL E 39 5.23 2.90 9.13
CA VAL E 39 4.60 1.94 10.03
C VAL E 39 4.43 0.58 9.34
N ASP E 40 5.18 -0.41 9.81
CA ASP E 40 5.08 -1.76 9.30
C ASP E 40 4.41 -2.61 10.38
N GLY E 41 3.18 -3.06 10.15
CA GLY E 41 2.47 -3.73 11.21
C GLY E 41 1.51 -4.84 10.83
N GLU E 42 0.83 -5.35 11.85
CA GLU E 42 -0.23 -6.34 11.65
C GLU E 42 -1.61 -5.70 11.72
N TRP E 43 -2.36 -5.90 10.65
CA TRP E 43 -3.67 -5.30 10.48
C TRP E 43 -4.81 -6.21 10.93
N THR E 44 -5.80 -5.61 11.57
CA THR E 44 -7.09 -6.24 11.77
C THR E 44 -8.17 -5.25 11.39
N TYR E 45 -9.29 -5.77 10.89
CA TYR E 45 -10.43 -4.95 10.56
C TYR E 45 -11.68 -5.46 11.27
N ASP E 46 -12.34 -4.57 12.01
CA ASP E 46 -13.58 -4.85 12.70
C ASP E 46 -14.68 -4.23 11.85
N ASP E 47 -15.51 -5.07 11.24
CA ASP E 47 -16.51 -4.61 10.28
C ASP E 47 -17.74 -4.00 10.92
N ALA E 48 -17.96 -4.33 12.19
CA ALA E 48 -19.05 -3.74 12.96
C ALA E 48 -18.86 -2.23 13.09
N THR E 49 -17.60 -1.82 13.24
CA THR E 49 -17.30 -0.44 13.54
C THR E 49 -16.58 0.22 12.38
N LYS E 50 -16.42 -0.54 11.29
CA LYS E 50 -15.64 -0.10 10.14
C LYS E 50 -14.28 0.49 10.56
N THR E 51 -13.61 -0.16 11.50
CA THR E 51 -12.33 0.32 12.01
C THR E 51 -11.17 -0.65 11.72
N PHE E 52 -10.11 -0.10 11.12
CA PHE E 52 -8.85 -0.82 10.93
C PHE E 52 -7.89 -0.50 12.08
N THR E 53 -7.03 -1.45 12.41
CA THR E 53 -6.03 -1.26 13.47
C THR E 53 -4.70 -1.83 13.04
N VAL E 54 -3.66 -1.00 13.03
CA VAL E 54 -2.33 -1.50 12.73
C VAL E 54 -1.43 -1.40 13.96
N THR E 55 -0.77 -2.51 14.28
CA THR E 55 0.10 -2.56 15.45
C THR E 55 1.47 -3.06 15.03
N GLU E 56 2.50 -2.24 15.24
CA GLU E 56 3.87 -2.67 14.97
C GLU E 56 4.39 -3.64 16.04
N MET F 1 5.84 15.98 27.86
CA MET F 1 4.62 15.23 28.11
C MET F 1 3.90 14.87 26.82
N GLN F 2 2.61 14.56 26.92
CA GLN F 2 1.87 14.22 25.71
C GLN F 2 1.27 15.45 25.05
N TYR F 3 1.55 15.60 23.75
CA TYR F 3 0.91 16.65 22.98
C TYR F 3 0.10 15.98 21.89
N LYS F 4 -0.99 16.64 21.50
CA LYS F 4 -1.94 16.08 20.56
C LYS F 4 -2.05 16.96 19.34
N LEU F 5 -2.39 16.37 18.20
CA LEU F 5 -2.56 17.14 16.97
C LEU F 5 -3.90 16.79 16.32
N ILE F 6 -4.69 17.80 15.97
CA ILE F 6 -5.92 17.56 15.23
C ILE F 6 -5.73 18.01 13.79
N LEU F 7 -5.77 17.07 12.85
CA LEU F 7 -5.73 17.43 11.43
C LEU F 7 -7.13 17.62 10.82
N ASN F 8 -7.37 18.80 10.28
CA ASN F 8 -8.58 19.05 9.54
C ASN F 8 -8.21 19.35 8.10
N GLY F 9 -7.48 18.43 7.48
CA GLY F 9 -7.12 18.57 6.09
C GLY F 9 -8.32 18.28 5.20
N LYS F 10 -8.25 18.68 3.95
CA LYS F 10 -9.39 18.51 3.06
C LYS F 10 -9.46 17.05 2.58
N THR F 11 -8.32 16.38 2.65
CA THR F 11 -8.18 15.04 2.10
C THR F 11 -7.60 14.09 3.16
N LEU F 12 -7.31 14.63 4.33
CA LEU F 12 -6.74 13.84 5.41
C LEU F 12 -7.15 14.36 6.78
N LYS F 13 -7.96 13.57 7.48
CA LYS F 13 -8.56 13.97 8.74
C LYS F 13 -8.29 12.96 9.83
N GLY F 14 -7.91 13.45 11.01
CA GLY F 14 -7.69 12.62 12.19
C GLY F 14 -6.91 13.30 13.30
N CYS F 15 -6.32 12.49 14.18
CA CYS F 15 -5.47 13.02 15.24
C CYS F 15 -4.18 12.23 15.45
N THR F 16 -3.27 12.79 16.22
CA THR F 16 -2.00 12.13 16.49
C THR F 16 -1.46 12.58 17.83
N THR F 17 -0.74 11.69 18.52
CA THR F 17 -0.02 12.10 19.73
C THR F 17 1.50 12.05 19.55
N THR F 18 2.21 12.72 20.46
CA THR F 18 3.67 12.70 20.52
C THR F 18 4.13 13.04 21.94
N GLU F 19 5.22 12.41 22.37
CA GLU F 19 5.87 12.79 23.63
C GLU F 19 7.02 13.77 23.40
N ALA F 20 6.91 14.98 23.95
CA ALA F 20 7.97 15.99 23.84
C ALA F 20 8.18 16.79 25.13
N VAL F 21 9.37 17.40 25.24
CA VAL F 21 9.79 18.11 26.44
C VAL F 21 9.05 19.44 26.63
N ASP F 22 8.71 20.09 25.51
CA ASP F 22 7.93 21.33 25.54
C ASP F 22 6.97 21.42 24.34
N ALA F 23 6.19 22.50 24.31
CA ALA F 23 5.24 22.71 23.22
C ALA F 23 5.98 22.90 21.90
N ALA F 24 7.07 23.67 21.94
CA ALA F 24 7.83 24.01 20.74
C ALA F 24 8.46 22.81 20.05
N THR F 25 8.94 21.85 20.83
CA THR F 25 9.48 20.61 20.27
C THR F 25 8.36 19.80 19.64
N ALA F 26 7.22 19.81 20.32
CA ALA F 26 6.05 19.09 19.84
C ALA F 26 5.63 19.66 18.50
N GLU F 27 5.80 20.97 18.33
CA GLU F 27 5.37 21.67 17.11
C GLU F 27 6.21 21.29 15.91
N LYS F 28 7.50 21.07 16.11
CA LYS F 28 8.37 20.71 15.01
C LYS F 28 8.05 19.30 14.50
N VAL F 29 7.71 18.41 15.43
CA VAL F 29 7.35 17.04 15.10
C VAL F 29 6.04 17.01 14.34
N PHE F 30 5.06 17.74 14.87
CA PHE F 30 3.73 17.75 14.30
C PHE F 30 3.71 18.39 12.92
N LYS F 31 4.53 19.42 12.73
CA LYS F 31 4.56 20.10 11.44
C LYS F 31 5.18 19.23 10.37
N GLN F 32 6.18 18.44 10.76
CA GLN F 32 6.80 17.50 9.85
C GLN F 32 5.77 16.44 9.44
N TYR F 33 5.11 15.85 10.43
CA TYR F 33 4.06 14.85 10.18
C TYR F 33 3.03 15.41 9.20
N ALA F 34 2.64 16.66 9.42
CA ALA F 34 1.77 17.38 8.50
C ALA F 34 2.38 17.48 7.10
N ASN F 35 3.68 17.76 7.04
CA ASN F 35 4.36 17.83 5.76
C ASN F 35 4.48 16.45 5.08
N ASP F 36 4.75 15.43 5.88
CA ASP F 36 4.84 14.06 5.37
C ASP F 36 3.52 13.53 4.83
N ASN F 37 2.42 14.22 5.13
CA ASN F 37 1.11 13.80 4.66
C ASN F 37 0.40 14.86 3.82
N GLY F 38 1.20 15.78 3.28
CA GLY F 38 0.71 16.76 2.32
C GLY F 38 -0.27 17.74 2.90
N VAL F 39 -0.13 18.03 4.19
CA VAL F 39 -1.04 18.94 4.87
C VAL F 39 -0.34 20.19 5.44
N ASP F 40 -0.88 21.36 5.14
CA ASP F 40 -0.44 22.60 5.79
C ASP F 40 -1.53 23.67 5.80
N GLY F 41 -1.80 24.24 6.96
CA GLY F 41 -2.82 25.27 7.07
C GLY F 41 -2.67 26.16 8.28
N GLU F 42 -3.80 26.53 8.89
CA GLU F 42 -3.79 27.47 10.00
C GLU F 42 -3.53 26.76 11.32
N TRP F 43 -2.34 26.97 11.87
CA TRP F 43 -1.93 26.34 13.12
C TRP F 43 -2.34 27.15 14.33
N THR F 44 -3.06 26.48 15.24
CA THR F 44 -3.32 27.03 16.56
C THR F 44 -2.89 26.01 17.63
N TYR F 45 -2.54 26.52 18.81
CA TYR F 45 -2.08 25.70 19.92
C TYR F 45 -2.73 26.17 21.21
N ASP F 46 -3.27 25.22 21.97
CA ASP F 46 -3.91 25.54 23.24
C ASP F 46 -3.08 24.98 24.40
N ASP F 47 -2.64 25.86 25.29
CA ASP F 47 -1.77 25.46 26.38
C ASP F 47 -2.44 24.55 27.37
N ALA F 48 -3.76 24.69 27.48
CA ALA F 48 -4.56 23.95 28.46
C ALA F 48 -4.64 22.48 28.14
N THR F 49 -4.90 22.18 26.87
CA THR F 49 -5.14 20.82 26.41
C THR F 49 -3.93 20.25 25.68
N LYS F 50 -2.85 21.03 25.60
CA LYS F 50 -1.63 20.64 24.89
C LYS F 50 -1.91 20.10 23.48
N THR F 51 -2.95 20.63 22.85
CA THR F 51 -3.39 20.19 21.53
C THR F 51 -3.12 21.23 20.44
N PHE F 52 -2.47 20.82 19.36
CA PHE F 52 -2.33 21.65 18.16
C PHE F 52 -3.45 21.35 17.17
N THR F 53 -3.82 22.34 16.36
CA THR F 53 -4.83 22.14 15.33
C THR F 53 -4.37 22.75 14.02
N VAL F 54 -4.40 21.94 12.96
CA VAL F 54 -4.13 22.47 11.63
C VAL F 54 -5.33 22.23 10.74
N THR F 55 -5.79 23.31 10.13
CA THR F 55 -6.88 23.20 9.18
C THR F 55 -6.44 23.89 7.90
N GLU F 56 -6.62 23.20 6.78
CA GLU F 56 -6.32 23.78 5.49
C GLU F 56 -7.43 24.74 5.08
N MET G 1 9.04 7.47 -25.13
CA MET G 1 8.51 6.55 -24.13
C MET G 1 9.06 5.16 -24.34
N GLN G 2 8.72 4.23 -23.45
CA GLN G 2 9.28 2.89 -23.55
C GLN G 2 8.45 2.00 -24.48
N TYR G 3 9.13 1.39 -25.44
CA TYR G 3 8.49 0.43 -26.33
C TYR G 3 9.10 -0.93 -26.08
N LYS G 4 8.31 -1.98 -26.31
CA LYS G 4 8.77 -3.34 -26.05
C LYS G 4 8.68 -4.24 -27.28
N LEU G 5 9.73 -5.01 -27.53
CA LEU G 5 9.70 -6.04 -28.54
C LEU G 5 9.65 -7.41 -27.88
N ILE G 6 8.55 -8.13 -28.08
CA ILE G 6 8.49 -9.53 -27.68
C ILE G 6 8.95 -10.34 -28.88
N LEU G 7 9.99 -11.14 -28.70
CA LEU G 7 10.56 -11.86 -29.83
C LEU G 7 10.25 -13.34 -29.67
N ASN G 8 9.60 -13.91 -30.67
CA ASN G 8 9.25 -15.31 -30.69
C ASN G 8 9.93 -15.96 -31.89
N GLY G 9 11.26 -15.83 -31.96
CA GLY G 9 12.01 -16.45 -33.05
C GLY G 9 12.13 -17.96 -32.92
N LYS G 10 12.49 -18.61 -34.02
CA LYS G 10 12.55 -20.08 -34.07
C LYS G 10 13.48 -20.66 -33.01
N THR G 11 14.62 -20.00 -32.83
CA THR G 11 15.65 -20.46 -31.91
C THR G 11 15.95 -19.42 -30.83
N LEU G 12 15.60 -18.16 -31.08
CA LEU G 12 15.79 -17.09 -30.10
C LEU G 12 14.43 -16.59 -29.59
N LYS G 13 14.28 -16.53 -28.28
CA LYS G 13 13.05 -16.03 -27.67
C LYS G 13 13.35 -15.16 -26.46
N GLY G 14 12.86 -13.92 -26.47
CA GLY G 14 13.09 -13.03 -25.36
C GLY G 14 12.30 -11.73 -25.40
N CYS G 15 12.71 -10.77 -24.60
CA CYS G 15 11.96 -9.54 -24.48
C CYS G 15 12.93 -8.40 -24.37
N THR G 16 12.90 -7.51 -25.36
CA THR G 16 13.74 -6.34 -25.29
C THR G 16 12.90 -5.09 -25.08
N THR G 17 13.58 -3.97 -24.84
CA THR G 17 12.90 -2.71 -24.60
C THR G 17 13.71 -1.60 -25.24
N THR G 18 13.05 -0.48 -25.54
CA THR G 18 13.74 0.69 -26.08
C THR G 18 12.99 2.00 -25.84
N GLU G 19 13.73 3.08 -25.71
CA GLU G 19 13.14 4.40 -25.61
C GLU G 19 13.06 5.05 -27.00
N ALA G 20 11.87 5.51 -27.39
CA ALA G 20 11.70 6.20 -28.67
C ALA G 20 10.66 7.30 -28.56
N VAL G 21 10.77 8.27 -29.48
CA VAL G 21 9.82 9.40 -29.60
C VAL G 21 8.46 8.99 -30.14
N ASP G 22 8.45 8.03 -31.07
CA ASP G 22 7.19 7.43 -31.53
C ASP G 22 7.35 5.94 -31.79
N ALA G 23 6.25 5.33 -32.22
CA ALA G 23 6.21 3.89 -32.42
C ALA G 23 7.01 3.48 -33.65
N ALA G 24 7.04 4.33 -34.67
CA ALA G 24 7.77 4.05 -35.91
C ALA G 24 9.27 4.10 -35.70
N THR G 25 9.73 5.05 -34.90
CA THR G 25 11.14 5.19 -34.57
C THR G 25 11.64 3.94 -33.86
N ALA G 26 10.87 3.50 -32.87
CA ALA G 26 11.20 2.29 -32.13
C ALA G 26 11.15 1.04 -33.01
N GLU G 27 10.30 1.04 -34.05
CA GLU G 27 10.16 -0.14 -34.90
C GLU G 27 11.38 -0.34 -35.79
N LYS G 28 12.01 0.76 -36.18
CA LYS G 28 13.27 0.68 -36.91
C LYS G 28 14.32 -0.01 -36.03
N VAL G 29 14.36 0.39 -34.75
CA VAL G 29 15.36 -0.09 -33.81
C VAL G 29 15.21 -1.59 -33.66
N PHE G 30 13.95 -1.99 -33.49
CA PHE G 30 13.55 -3.38 -33.29
C PHE G 30 13.78 -4.28 -34.49
N LYS G 31 13.75 -3.73 -35.69
CA LYS G 31 13.96 -4.54 -36.89
C LYS G 31 15.43 -4.81 -37.16
N GLN G 32 16.27 -3.87 -36.75
CA GLN G 32 17.72 -4.02 -36.88
C GLN G 32 18.26 -4.96 -35.80
N TYR G 33 17.69 -4.87 -34.61
CA TYR G 33 18.06 -5.78 -33.55
C TYR G 33 17.63 -7.21 -33.91
N ALA G 34 16.42 -7.36 -34.44
CA ALA G 34 15.90 -8.67 -34.79
C ALA G 34 16.67 -9.25 -35.95
N ASN G 35 17.17 -8.38 -36.81
CA ASN G 35 18.00 -8.77 -37.95
C ASN G 35 19.43 -9.09 -37.54
N ASP G 36 19.93 -8.44 -36.51
CA ASP G 36 21.25 -8.75 -35.96
C ASP G 36 21.26 -10.08 -35.20
N ASN G 37 20.07 -10.54 -34.83
CA ASN G 37 19.94 -11.79 -34.05
C ASN G 37 19.34 -12.92 -34.87
N GLY G 38 19.27 -12.71 -36.18
CA GLY G 38 18.93 -13.77 -37.12
C GLY G 38 17.51 -14.29 -37.09
N VAL G 39 16.55 -13.42 -36.78
CA VAL G 39 15.15 -13.80 -36.82
C VAL G 39 14.42 -12.98 -37.88
N ASP G 40 13.55 -13.63 -38.65
CA ASP G 40 12.81 -12.96 -39.69
C ASP G 40 11.36 -13.42 -39.59
N GLY G 41 10.50 -12.57 -39.06
CA GLY G 41 9.15 -12.99 -38.77
C GLY G 41 8.07 -12.05 -39.24
N GLU G 42 6.87 -12.26 -38.71
CA GLU G 42 5.74 -11.43 -39.04
C GLU G 42 5.46 -10.54 -37.85
N TRP G 43 5.28 -9.25 -38.14
CA TRP G 43 5.19 -8.24 -37.10
C TRP G 43 3.75 -7.81 -36.74
N THR G 44 3.50 -7.64 -35.45
CA THR G 44 2.26 -7.02 -34.95
C THR G 44 2.57 -5.92 -33.92
N TYR G 45 1.68 -4.93 -33.81
CA TYR G 45 1.87 -3.83 -32.85
C TYR G 45 0.61 -3.46 -32.05
N ASP G 46 0.78 -3.30 -30.75
CA ASP G 46 -0.30 -2.90 -29.86
C ASP G 46 -0.02 -1.53 -29.30
N ASP G 47 -0.81 -0.55 -29.71
CA ASP G 47 -0.65 0.84 -29.32
C ASP G 47 -0.87 1.05 -27.82
N ALA G 48 -1.67 0.18 -27.19
CA ALA G 48 -1.99 0.31 -25.78
C ALA G 48 -0.77 0.06 -24.91
N THR G 49 -0.14 -1.09 -25.13
CA THR G 49 1.05 -1.47 -24.37
C THR G 49 2.36 -1.09 -25.07
N LYS G 50 2.26 -0.49 -26.26
CA LYS G 50 3.42 -0.13 -27.07
C LYS G 50 4.32 -1.33 -27.34
N THR G 51 3.74 -2.52 -27.36
CA THR G 51 4.51 -3.75 -27.51
C THR G 51 4.45 -4.33 -28.92
N PHE G 52 5.61 -4.41 -29.57
CA PHE G 52 5.75 -5.13 -30.81
C PHE G 52 5.91 -6.63 -30.53
N THR G 53 5.51 -7.45 -31.49
CA THR G 53 5.76 -8.89 -31.44
C THR G 53 6.24 -9.32 -32.81
N VAL G 54 7.35 -10.05 -32.85
CA VAL G 54 7.74 -10.72 -34.09
C VAL G 54 7.73 -12.23 -33.85
N THR G 55 7.16 -12.97 -34.79
CA THR G 55 7.02 -14.42 -34.64
C THR G 55 7.39 -15.08 -35.94
N GLU G 56 8.15 -16.16 -35.87
CA GLU G 56 8.39 -17.01 -37.04
C GLU G 56 8.02 -18.47 -36.75
N MET H 1 16.56 -27.70 -18.90
CA MET H 1 15.74 -26.74 -18.18
C MET H 1 15.84 -25.39 -18.86
N GLN H 2 14.87 -24.53 -18.57
CA GLN H 2 14.89 -23.19 -19.11
C GLN H 2 15.72 -22.27 -18.23
N TYR H 3 16.74 -21.65 -18.82
CA TYR H 3 17.58 -20.69 -18.11
C TYR H 3 17.30 -19.29 -18.66
N LYS H 4 17.39 -18.28 -17.81
CA LYS H 4 16.96 -16.93 -18.18
C LYS H 4 18.09 -15.92 -18.00
N LEU H 5 18.08 -14.88 -18.82
CA LEU H 5 19.13 -13.87 -18.74
C LEU H 5 18.47 -12.52 -18.55
N ILE H 6 19.05 -11.70 -17.69
CA ILE H 6 18.55 -10.35 -17.54
C ILE H 6 19.64 -9.40 -17.95
N LEU H 7 19.44 -8.71 -19.07
CA LEU H 7 20.40 -7.71 -19.50
C LEU H 7 20.02 -6.33 -18.97
N ASN H 8 20.97 -5.73 -18.26
CA ASN H 8 20.86 -4.36 -17.81
C ASN H 8 22.01 -3.55 -18.38
N GLY H 9 22.12 -3.55 -19.70
CA GLY H 9 23.13 -2.77 -20.39
C GLY H 9 22.77 -1.30 -20.46
N LYS H 10 23.51 -0.54 -21.27
CA LYS H 10 23.22 0.89 -21.39
C LYS H 10 22.39 1.17 -22.63
N THR H 11 22.47 0.26 -23.60
CA THR H 11 21.65 0.34 -24.82
C THR H 11 20.71 -0.85 -24.92
N LEU H 12 21.19 -2.03 -24.58
CA LEU H 12 20.33 -3.22 -24.56
C LEU H 12 19.85 -3.55 -23.15
N LYS H 13 18.55 -3.44 -22.95
CA LYS H 13 17.93 -3.78 -21.70
C LYS H 13 16.80 -4.74 -22.03
N GLY H 14 16.63 -5.78 -21.22
CA GLY H 14 15.52 -6.69 -21.42
C GLY H 14 15.74 -8.06 -20.79
N CYS H 15 15.23 -9.08 -21.46
CA CYS H 15 15.35 -10.45 -21.00
C CYS H 15 15.51 -11.40 -22.17
N THR H 16 15.84 -12.64 -21.87
CA THR H 16 16.02 -13.67 -22.89
C THR H 16 16.16 -15.02 -22.20
N THR H 17 15.61 -16.06 -22.82
CA THR H 17 15.58 -17.39 -22.24
C THR H 17 16.25 -18.42 -23.15
N THR H 18 16.77 -19.49 -22.55
CA THR H 18 17.44 -20.55 -23.30
C THR H 18 17.21 -21.95 -22.67
N GLU H 19 17.08 -22.97 -23.52
CA GLU H 19 17.01 -24.33 -23.05
C GLU H 19 18.40 -24.96 -23.03
N ALA H 20 18.89 -25.29 -21.84
CA ALA H 20 20.20 -25.89 -21.69
C ALA H 20 20.12 -27.09 -20.77
N VAL H 21 21.12 -27.97 -20.87
CA VAL H 21 21.20 -29.18 -20.05
C VAL H 21 21.68 -28.82 -18.65
N ASP H 22 22.65 -27.90 -18.58
CA ASP H 22 23.14 -27.38 -17.30
C ASP H 22 23.44 -25.88 -17.33
N ALA H 23 23.85 -25.34 -16.19
CA ALA H 23 24.03 -23.91 -16.03
C ALA H 23 25.17 -23.37 -16.89
N ALA H 24 26.24 -24.16 -17.03
CA ALA H 24 27.41 -23.69 -17.76
C ALA H 24 27.14 -23.65 -19.24
N THR H 25 26.27 -24.52 -19.72
CA THR H 25 25.95 -24.53 -21.13
C THR H 25 25.06 -23.34 -21.47
N ALA H 26 24.10 -23.03 -20.58
CA ALA H 26 23.24 -21.87 -20.72
C ALA H 26 24.06 -20.59 -20.71
N GLU H 27 24.95 -20.46 -19.73
CA GLU H 27 25.90 -19.36 -19.66
C GLU H 27 26.68 -19.18 -20.96
N LYS H 28 27.03 -20.28 -21.61
CA LYS H 28 27.82 -20.23 -22.83
C LYS H 28 27.01 -19.60 -23.93
N VAL H 29 25.75 -20.04 -24.04
CA VAL H 29 24.83 -19.52 -25.05
C VAL H 29 24.48 -18.06 -24.78
N PHE H 30 24.26 -17.75 -23.52
CA PHE H 30 23.95 -16.41 -23.05
C PHE H 30 25.13 -15.46 -23.21
N LYS H 31 26.35 -16.00 -23.22
CA LYS H 31 27.54 -15.18 -23.45
C LYS H 31 27.70 -14.87 -24.93
N GLN H 32 27.35 -15.82 -25.79
CA GLN H 32 27.49 -15.59 -27.23
C GLN H 32 26.44 -14.57 -27.70
N TYR H 33 25.30 -14.54 -27.02
CA TYR H 33 24.24 -13.58 -27.30
C TYR H 33 24.62 -12.15 -26.87
N ALA H 34 25.18 -12.01 -25.68
CA ALA H 34 25.63 -10.73 -25.17
C ALA H 34 26.78 -10.17 -26.01
N ASN H 35 27.61 -11.06 -26.51
CA ASN H 35 28.72 -10.71 -27.38
C ASN H 35 28.23 -10.13 -28.72
N ASP H 36 27.27 -10.81 -29.34
CA ASP H 36 26.78 -10.44 -30.65
C ASP H 36 25.90 -9.20 -30.61
N ASN H 37 25.57 -8.74 -29.40
CA ASN H 37 24.74 -7.57 -29.24
C ASN H 37 25.49 -6.45 -28.51
N GLY H 38 26.81 -6.59 -28.39
CA GLY H 38 27.67 -5.54 -27.90
C GLY H 38 27.62 -5.26 -26.41
N VAL H 39 27.03 -6.20 -25.67
CA VAL H 39 26.89 -6.07 -24.22
C VAL H 39 28.08 -6.75 -23.54
N ASP H 40 28.82 -6.01 -22.71
CA ASP H 40 29.94 -6.58 -21.98
C ASP H 40 30.01 -5.93 -20.61
N GLY H 41 29.89 -6.75 -19.57
CA GLY H 41 29.96 -6.26 -18.21
C GLY H 41 30.15 -7.36 -17.19
N GLU H 42 29.35 -7.30 -16.12
CA GLU H 42 29.48 -8.20 -15.00
C GLU H 42 28.33 -9.18 -14.94
N TRP H 43 28.68 -10.46 -14.79
CA TRP H 43 27.68 -11.52 -14.74
C TRP H 43 27.44 -12.05 -13.34
N THR H 44 26.20 -12.42 -13.05
CA THR H 44 25.89 -13.16 -11.83
C THR H 44 24.95 -14.33 -12.12
N TYR H 45 24.95 -15.34 -11.25
CA TYR H 45 24.05 -16.47 -11.45
C TYR H 45 23.38 -16.93 -10.15
N ASP H 46 22.13 -17.35 -10.24
CA ASP H 46 21.38 -17.90 -9.10
C ASP H 46 20.67 -19.17 -9.58
N ASP H 47 21.18 -20.33 -9.19
CA ASP H 47 20.65 -21.59 -9.70
C ASP H 47 19.27 -21.90 -9.16
N ALA H 48 18.87 -21.17 -8.13
CA ALA H 48 17.55 -21.38 -7.55
C ALA H 48 16.50 -20.88 -8.53
N THR H 49 16.81 -19.79 -9.20
CA THR H 49 15.90 -19.22 -10.20
C THR H 49 16.38 -19.46 -11.63
N LYS H 50 17.50 -20.17 -11.76
CA LYS H 50 18.12 -20.41 -13.08
C LYS H 50 18.31 -19.11 -13.86
N THR H 51 18.66 -18.03 -13.19
CA THR H 51 18.70 -16.72 -13.84
C THR H 51 20.08 -16.09 -13.80
N PHE H 52 20.59 -15.79 -14.98
CA PHE H 52 21.82 -15.05 -15.15
C PHE H 52 21.48 -13.56 -15.19
N THR H 53 22.43 -12.71 -14.84
CA THR H 53 22.23 -11.28 -14.97
C THR H 53 23.50 -10.68 -15.53
N VAL H 54 23.37 -9.77 -16.49
CA VAL H 54 24.50 -9.04 -17.00
C VAL H 54 24.24 -7.56 -16.82
N THR H 55 25.24 -6.83 -16.35
CA THR H 55 25.06 -5.42 -16.06
C THR H 55 26.27 -4.64 -16.55
N GLU H 56 26.01 -3.64 -17.39
CA GLU H 56 27.04 -2.77 -17.92
C GLU H 56 27.24 -1.58 -16.98
O1 MTN I . 7.96 -14.20 -24.11
N1 MTN I . 8.19 -14.13 -22.91
C1 MTN I . 8.94 -15.16 -22.20
C2 MTN I . 8.96 -14.62 -20.78
C3 MTN I . 8.28 -13.44 -20.70
C4 MTN I . 8.15 -12.69 -19.37
S1 MTN I . 7.28 -11.15 -19.43
C5 MTN I . 7.76 -13.04 -22.06
C6 MTN I . 6.24 -12.89 -22.08
C7 MTN I . 8.42 -11.75 -22.53
C8 MTN I . 10.33 -15.35 -22.76
C9 MTN I . 8.20 -16.50 -22.20
O1 MTN J . 14.06 -5.95 -17.80
N1 MTN J . 13.01 -6.24 -17.26
C1 MTN J . 12.91 -7.22 -16.18
C2 MTN J . 11.43 -7.21 -15.87
C3 MTN J . 10.80 -6.35 -16.68
C4 MTN J . 9.32 -6.09 -16.66
S1 MTN J . 8.49 -6.38 -15.13
C5 MTN J . 11.74 -5.67 -17.63
C6 MTN J . 11.43 -6.04 -19.07
C7 MTN J . 11.67 -4.16 -17.48
C8 MTN J . 13.30 -8.61 -16.63
C9 MTN J . 13.68 -6.77 -14.95
O1 MTN K . 8.94 -14.10 -14.44
N1 MTN K . 9.73 -14.19 -15.36
C1 MTN K . 9.79 -15.36 -16.23
C2 MTN K . 10.90 -15.00 -17.17
C3 MTN K . 11.40 -13.80 -16.87
C4 MTN K . 12.51 -13.15 -17.65
S1 MTN K . 11.91 -12.68 -19.23
C5 MTN K . 10.70 -13.16 -15.71
C6 MTN K . 10.07 -11.85 -16.14
C7 MTN K . 11.73 -12.94 -14.61
C8 MTN K . 8.52 -15.56 -17.03
C9 MTN K . 10.12 -16.63 -15.46
C TRS L . 16.82 7.47 2.27
C1 TRS L . 17.88 7.90 1.26
C2 TRS L . 16.36 8.67 3.05
C3 TRS L . 17.40 6.43 3.20
N TRS L . 15.66 6.92 1.58
O1 TRS L . 18.71 6.81 0.98
O2 TRS L . 15.81 9.59 2.12
O3 TRS L . 16.42 6.02 4.11
O1 MTN M . -4.90 5.86 20.03
N1 MTN M . -5.98 6.35 20.35
C1 MTN M . -7.23 6.00 19.71
C2 MTN M . -8.24 6.85 20.43
C3 MTN M . -7.63 7.59 21.36
C4 MTN M . -8.36 8.59 22.25
S1 MTN M . -9.88 8.15 23.06
C5 MTN M . -6.14 7.35 21.38
C6 MTN M . -5.66 6.90 22.75
C7 MTN M . -5.40 8.62 20.96
C8 MTN M . -7.22 6.36 18.24
C9 MTN M . -7.61 4.54 19.94
O1 MTN N . -14.53 4.83 17.13
N1 MTN N . -13.92 5.87 17.01
C1 MTN N . -14.58 7.14 16.76
C2 MTN N . -13.43 8.11 16.70
C3 MTN N . -12.29 7.47 16.91
C4 MTN N . -10.97 8.19 16.91
S1 MTN N . -10.79 9.18 15.46
C5 MTN N . -12.47 6.00 17.14
C6 MTN N . -11.96 5.59 18.51
C7 MTN N . -11.72 5.21 16.06
C8 MTN N . -15.37 7.16 15.45
C9 MTN N . -15.47 7.54 17.93
O1 MTN O . -7.64 14.08 24.58
N1 MTN O . -7.43 13.31 23.66
C1 MTN O . -6.84 11.98 23.85
C2 MTN O . -6.82 11.45 22.44
C3 MTN O . -7.30 12.34 21.57
C4 MTN O . -7.42 12.13 20.09
S1 MTN O . -5.84 11.90 19.35
C5 MTN O . -7.75 13.60 22.26
C6 MTN O . -9.23 13.80 22.00
C7 MTN O . -6.96 14.78 21.69
C8 MTN O . -7.64 11.09 24.78
C9 MTN O . -5.41 12.07 24.34
C TRS P . 11.24 27.08 25.96
C1 TRS P . 10.66 26.35 24.76
C2 TRS P . 11.84 28.39 25.51
C3 TRS P . 12.29 26.22 26.69
N TRS P . 10.13 27.40 26.85
O1 TRS P . 11.37 26.69 23.59
O2 TRS P . 12.38 29.09 26.61
O3 TRS P . 11.78 24.94 27.08
O1 MTN Q . 4.62 -5.75 -19.57
N1 MTN Q . 5.79 -5.56 -19.86
C1 MTN Q . 6.57 -4.48 -19.29
C2 MTN Q . 7.92 -4.71 -19.93
C3 MTN Q . 7.88 -5.79 -20.75
C4 MTN Q . 9.08 -6.24 -21.57
S1 MTN Q . 9.53 -7.92 -21.36
C5 MTN Q . 6.51 -6.42 -20.78
C6 MTN Q . 6.45 -7.84 -20.25
C7 MTN Q . 5.97 -6.39 -22.20
C8 MTN Q . 6.08 -3.09 -19.66
C9 MTN Q . 6.58 -4.56 -17.78
#